data_4E12
#
_entry.id   4E12
#
_cell.length_a   99.560
_cell.length_b   99.560
_cell.length_c   131.860
_cell.angle_alpha   90.00
_cell.angle_beta   90.00
_cell.angle_gamma   120.00
#
_symmetry.space_group_name_H-M   'P 62 2 2'
#
loop_
_entity.id
_entity.type
_entity.pdbx_description
1 polymer Diketoreductase
2 non-polymer GLYCEROL
3 non-polymer 'PENTAETHYLENE GLYCOL'
4 non-polymer 'SULFATE ION'
5 water water
#
_entity_poly.entity_id   1
_entity_poly.type   'polypeptide(L)'
_entity_poly.pdbx_seq_one_letter_code
;MTGITNVTVLGTGVLGSQIAFQTAFHGFAVTAYDINTDALDAAKKRFEGLAAVYEKEVAGAADGAAQKALGGIRYSDDLA
QAVKDADLVIEAVPESLDLKRDIYTKLGELAPAKTIFATNSSTLLPSDLVGYTGRGDKFLALHFANHVWVNNTAEVMGTT
KTDPEVYQQVVEFASAIGMVPIELKKEKAGYVLNSLLVPLLDAAAELLVDGIADPETIDKTWRIGTGAPKGPFEIFDIVG
LTTAYNISSVSGPKQREFAAYLKENYIDKGKLGLATGEGFYRY
;
_entity_poly.pdbx_strand_id   A
#
# COMPACT_ATOMS: atom_id res chain seq x y z
N MET A 1 -27.18 -11.28 -6.46
CA MET A 1 -27.99 -11.03 -5.23
C MET A 1 -27.14 -10.45 -4.11
N THR A 2 -25.91 -10.06 -4.46
CA THR A 2 -24.99 -9.50 -3.48
C THR A 2 -24.04 -8.50 -4.14
N GLY A 3 -23.26 -7.82 -3.32
CA GLY A 3 -22.32 -6.84 -3.83
C GLY A 3 -21.04 -7.44 -4.37
N ILE A 4 -19.92 -7.15 -3.71
CA ILE A 4 -18.62 -7.60 -4.17
C ILE A 4 -18.37 -9.04 -3.78
N THR A 5 -18.00 -9.86 -4.76
CA THR A 5 -17.66 -11.25 -4.51
C THR A 5 -16.36 -11.61 -5.20
N ASN A 6 -16.22 -11.21 -6.46
CA ASN A 6 -15.03 -11.56 -7.23
C ASN A 6 -14.10 -10.37 -7.23
N VAL A 7 -12.89 -10.60 -6.75
CA VAL A 7 -11.94 -9.51 -6.67
C VAL A 7 -10.72 -9.91 -7.45
N THR A 8 -10.30 -9.03 -8.36
CA THR A 8 -9.05 -9.20 -9.07
C THR A 8 -8.07 -8.13 -8.62
N VAL A 9 -6.87 -8.58 -8.32
CA VAL A 9 -5.80 -7.69 -7.92
C VAL A 9 -4.76 -7.68 -9.05
N LEU A 10 -4.41 -6.49 -9.52
CA LEU A 10 -3.47 -6.33 -10.62
C LEU A 10 -2.10 -6.05 -10.04
N GLY A 11 -1.18 -6.99 -10.21
CA GLY A 11 0.11 -6.84 -9.60
C GLY A 11 0.26 -7.73 -8.37
N THR A 12 1.41 -8.37 -8.26
CA THR A 12 1.60 -9.36 -7.22
C THR A 12 2.87 -9.11 -6.45
N GLY A 13 3.26 -7.84 -6.40
CA GLY A 13 4.43 -7.44 -5.63
C GLY A 13 4.16 -7.44 -4.13
N VAL A 14 5.00 -6.74 -3.37
CA VAL A 14 4.84 -6.66 -1.93
C VAL A 14 3.42 -6.24 -1.52
N LEU A 15 2.92 -5.15 -2.13
CA LEU A 15 1.60 -4.62 -1.80
C LEU A 15 0.46 -5.43 -2.43
N GLY A 16 0.58 -5.74 -3.71
CA GLY A 16 -0.47 -6.52 -4.36
C GLY A 16 -0.70 -7.88 -3.72
N SER A 17 0.37 -8.54 -3.29
CA SER A 17 0.21 -9.88 -2.74
C SER A 17 -0.46 -9.81 -1.36
N GLN A 18 -0.13 -8.81 -0.55
CA GLN A 18 -0.79 -8.65 0.75
C GLN A 18 -2.27 -8.35 0.58
N ILE A 19 -2.60 -7.48 -0.38
CA ILE A 19 -3.98 -7.10 -0.61
C ILE A 19 -4.77 -8.31 -1.07
N ALA A 20 -4.17 -9.07 -1.99
CA ALA A 20 -4.79 -10.26 -2.52
C ALA A 20 -5.00 -11.29 -1.43
N PHE A 21 -3.99 -11.49 -0.58
CA PHE A 21 -4.07 -12.50 0.44
C PHE A 21 -5.06 -12.14 1.52
N GLN A 22 -4.99 -10.91 2.03
CA GLN A 22 -5.97 -10.42 2.99
C GLN A 22 -7.39 -10.62 2.46
N THR A 23 -7.59 -10.33 1.17
CA THR A 23 -8.91 -10.41 0.58
C THR A 23 -9.37 -11.87 0.46
N ALA A 24 -8.47 -12.73 0.03
CA ALA A 24 -8.72 -14.16 -0.02
C ALA A 24 -9.00 -14.72 1.38
N PHE A 25 -8.16 -14.37 2.35
CA PHE A 25 -8.31 -14.86 3.74
C PHE A 25 -9.70 -14.56 4.30
N HIS A 26 -10.32 -13.49 3.84
CA HIS A 26 -11.64 -13.07 4.33
C HIS A 26 -12.82 -13.53 3.49
N GLY A 27 -12.60 -14.52 2.62
CA GLY A 27 -13.74 -15.20 2.02
C GLY A 27 -14.07 -14.84 0.59
N PHE A 28 -13.43 -13.81 0.04
CA PHE A 28 -13.71 -13.39 -1.32
C PHE A 28 -13.03 -14.31 -2.32
N ALA A 29 -13.54 -14.32 -3.55
CA ALA A 29 -12.94 -15.07 -4.64
C ALA A 29 -11.94 -14.20 -5.36
N VAL A 30 -10.67 -14.52 -5.16
CA VAL A 30 -9.57 -13.66 -5.59
C VAL A 30 -8.87 -14.23 -6.79
N THR A 31 -8.65 -13.37 -7.78
CA THR A 31 -7.76 -13.67 -8.88
C THR A 31 -6.56 -12.72 -8.79
N ALA A 32 -5.35 -13.27 -8.78
CA ALA A 32 -4.15 -12.45 -8.79
C ALA A 32 -3.62 -12.39 -10.21
N TYR A 33 -3.45 -11.18 -10.73
CA TYR A 33 -3.00 -11.00 -12.10
C TYR A 33 -1.58 -10.45 -12.16
N ASP A 34 -0.79 -10.99 -13.08
CA ASP A 34 0.53 -10.43 -13.33
C ASP A 34 0.95 -10.82 -14.74
N ILE A 35 2.11 -10.37 -15.18
CA ILE A 35 2.38 -10.31 -16.62
C ILE A 35 2.75 -11.62 -17.27
N ASN A 36 3.38 -12.54 -16.54
CA ASN A 36 3.72 -13.81 -17.15
C ASN A 36 3.78 -14.89 -16.09
N THR A 37 4.16 -16.11 -16.47
CA THR A 37 4.13 -17.20 -15.52
C THR A 37 5.29 -17.08 -14.52
N ASP A 38 6.39 -16.46 -14.94
CA ASP A 38 7.47 -16.18 -14.01
C ASP A 38 7.00 -15.28 -12.85
N ALA A 39 6.30 -14.20 -13.16
CA ALA A 39 5.77 -13.33 -12.11
C ALA A 39 4.71 -14.07 -11.28
N LEU A 40 3.93 -14.92 -11.93
CA LEU A 40 2.91 -15.67 -11.21
C LEU A 40 3.53 -16.72 -10.28
N ASP A 41 4.65 -17.29 -10.68
CA ASP A 41 5.39 -18.20 -9.82
C ASP A 41 5.89 -17.47 -8.57
N ALA A 42 6.39 -16.25 -8.75
CA ALA A 42 6.89 -15.47 -7.62
C ALA A 42 5.77 -15.07 -6.69
N ALA A 43 4.59 -14.84 -7.26
CA ALA A 43 3.41 -14.46 -6.48
C ALA A 43 2.99 -15.61 -5.59
N LYS A 44 2.98 -16.82 -6.14
CA LYS A 44 2.66 -18.00 -5.36
C LYS A 44 3.61 -18.10 -4.18
N LYS A 45 4.91 -17.85 -4.42
CA LYS A 45 5.87 -17.80 -3.33
C LYS A 45 5.52 -16.72 -2.30
N ARG A 46 5.13 -15.51 -2.74
CA ARG A 46 4.77 -14.50 -1.76
C ARG A 46 3.56 -14.96 -0.96
N PHE A 47 2.61 -15.58 -1.65
CA PHE A 47 1.40 -16.06 -0.97
C PHE A 47 1.72 -17.14 0.05
N GLU A 48 2.62 -18.04 -0.29
CA GLU A 48 3.00 -19.09 0.65
C GLU A 48 3.60 -18.48 1.93
N GLY A 49 4.52 -17.53 1.77
CA GLY A 49 5.04 -16.81 2.92
C GLY A 49 4.00 -16.08 3.75
N LEU A 50 3.08 -15.40 3.07
CA LEU A 50 1.99 -14.72 3.75
C LEU A 50 1.13 -15.70 4.54
N ALA A 51 0.87 -16.89 3.98
CA ALA A 51 0.08 -17.89 4.68
C ALA A 51 0.76 -18.23 6.00
N ALA A 52 2.08 -18.38 5.94
CA ALA A 52 2.89 -18.69 7.11
C ALA A 52 2.82 -17.58 8.17
N VAL A 53 2.97 -16.34 7.74
CA VAL A 53 2.85 -15.19 8.64
C VAL A 53 1.47 -15.17 9.28
N TYR A 54 0.44 -15.32 8.46
CA TYR A 54 -0.92 -15.30 9.00
C TYR A 54 -1.14 -16.36 10.06
N GLU A 55 -0.77 -17.59 9.75
CA GLU A 55 -0.99 -18.65 10.70
C GLU A 55 -0.34 -18.37 12.06
N LYS A 56 0.72 -17.56 12.08
CA LYS A 56 1.35 -17.19 13.35
C LYS A 56 0.87 -15.84 13.90
N GLU A 57 0.45 -14.94 13.02
CA GLU A 57 0.16 -13.55 13.44
C GLU A 57 -1.32 -13.13 13.38
N VAL A 58 -2.15 -13.87 12.67
CA VAL A 58 -3.48 -13.33 12.38
C VAL A 58 -4.59 -14.20 12.95
N ALA A 59 -5.50 -13.59 13.71
CA ALA A 59 -6.59 -14.33 14.32
C ALA A 59 -7.36 -15.13 13.28
N GLY A 60 -7.58 -16.41 13.60
CA GLY A 60 -8.41 -17.26 12.78
C GLY A 60 -7.67 -17.97 11.65
N ALA A 61 -6.37 -17.73 11.52
CA ALA A 61 -5.63 -18.24 10.36
C ALA A 61 -4.92 -19.55 10.68
N ALA A 62 -4.85 -19.89 11.95
CA ALA A 62 -4.20 -21.12 12.37
C ALA A 62 -4.96 -22.34 11.87
N ASP A 63 -4.35 -23.50 11.99
CA ASP A 63 -5.04 -24.75 11.74
C ASP A 63 -5.56 -24.86 10.32
N GLY A 64 -4.80 -24.34 9.36
CA GLY A 64 -5.16 -24.53 7.96
C GLY A 64 -6.02 -23.46 7.31
N ALA A 65 -6.58 -22.53 8.08
CA ALA A 65 -7.39 -21.49 7.45
C ALA A 65 -6.56 -20.67 6.46
N ALA A 66 -5.33 -20.33 6.83
CA ALA A 66 -4.44 -19.59 5.94
C ALA A 66 -4.19 -20.37 4.64
N GLN A 67 -3.90 -21.66 4.74
CA GLN A 67 -3.70 -22.50 3.54
C GLN A 67 -4.97 -22.67 2.71
N LYS A 68 -6.13 -22.75 3.33
CA LYS A 68 -7.35 -22.83 2.54
C LYS A 68 -7.45 -21.56 1.69
N ALA A 69 -7.15 -20.40 2.30
CA ALA A 69 -7.22 -19.16 1.54
C ALA A 69 -6.19 -19.22 0.41
N LEU A 70 -4.98 -19.68 0.74
CA LEU A 70 -3.90 -19.79 -0.24
C LEU A 70 -4.33 -20.64 -1.44
N GLY A 71 -4.86 -21.82 -1.15
CA GLY A 71 -5.21 -22.74 -2.20
C GLY A 71 -6.37 -22.30 -3.07
N GLY A 72 -7.17 -21.36 -2.56
CA GLY A 72 -8.30 -20.87 -3.32
C GLY A 72 -8.03 -19.73 -4.29
N ILE A 73 -6.82 -19.15 -4.23
CA ILE A 73 -6.44 -18.03 -5.11
C ILE A 73 -6.22 -18.48 -6.56
N ARG A 74 -6.84 -17.77 -7.49
CA ARG A 74 -6.68 -18.07 -8.92
C ARG A 74 -5.59 -17.16 -9.50
N TYR A 75 -4.70 -17.72 -10.33
CA TYR A 75 -3.61 -16.96 -10.92
C TYR A 75 -3.89 -16.80 -12.40
N SER A 76 -3.62 -15.60 -12.91
CA SER A 76 -3.89 -15.34 -14.32
C SER A 76 -2.84 -14.41 -14.91
N ASP A 77 -2.44 -14.65 -16.16
CA ASP A 77 -1.62 -13.67 -16.85
C ASP A 77 -2.30 -13.24 -18.14
N ASP A 78 -3.62 -13.35 -18.13
CA ASP A 78 -4.44 -12.91 -19.25
C ASP A 78 -5.44 -11.91 -18.69
N LEU A 79 -5.19 -10.62 -18.88
CA LEU A 79 -5.99 -9.57 -18.25
C LEU A 79 -7.49 -9.74 -18.51
N ALA A 80 -7.86 -9.97 -19.77
CA ALA A 80 -9.26 -10.16 -20.14
C ALA A 80 -9.91 -11.26 -19.31
N GLN A 81 -9.22 -12.40 -19.21
CA GLN A 81 -9.70 -13.54 -18.42
C GLN A 81 -9.67 -13.22 -16.93
N ALA A 82 -8.64 -12.48 -16.50
CA ALA A 82 -8.49 -12.15 -15.08
C ALA A 82 -9.64 -11.31 -14.53
N VAL A 83 -10.24 -10.49 -15.39
CA VAL A 83 -11.26 -9.56 -14.89
C VAL A 83 -12.66 -9.81 -15.47
N LYS A 84 -12.87 -10.96 -16.11
CA LYS A 84 -14.09 -11.18 -16.87
C LYS A 84 -15.36 -11.10 -16.03
N ASP A 85 -15.29 -11.51 -14.77
CA ASP A 85 -16.47 -11.50 -13.90
C ASP A 85 -16.14 -10.76 -12.61
N ALA A 86 -15.18 -9.85 -12.67
CA ALA A 86 -14.72 -9.12 -11.48
C ALA A 86 -15.76 -8.11 -10.99
N ASP A 87 -16.01 -8.09 -9.69
CA ASP A 87 -16.85 -7.07 -9.08
C ASP A 87 -16.01 -5.85 -8.70
N LEU A 88 -14.74 -6.10 -8.44
CA LEU A 88 -13.80 -5.08 -7.99
C LEU A 88 -12.42 -5.46 -8.47
N VAL A 89 -11.70 -4.49 -9.01
CA VAL A 89 -10.30 -4.70 -9.39
C VAL A 89 -9.47 -3.74 -8.57
N ILE A 90 -8.53 -4.29 -7.81
CA ILE A 90 -7.62 -3.47 -7.05
C ILE A 90 -6.31 -3.46 -7.83
N GLU A 91 -5.91 -2.27 -8.28
CA GLU A 91 -4.70 -2.08 -9.06
C GLU A 91 -3.50 -1.68 -8.20
N ALA A 92 -2.47 -2.53 -8.25
CA ALA A 92 -1.27 -2.36 -7.45
C ALA A 92 -0.05 -2.67 -8.32
N VAL A 93 -0.03 -2.09 -9.52
CA VAL A 93 1.09 -2.23 -10.45
C VAL A 93 2.13 -1.15 -10.12
N PRO A 94 3.34 -1.23 -10.69
CA PRO A 94 4.36 -0.21 -10.39
C PRO A 94 3.90 1.23 -10.52
N GLU A 95 4.65 2.13 -9.89
CA GLU A 95 4.21 3.50 -9.75
C GLU A 95 4.60 4.34 -10.99
N SER A 96 3.98 4.01 -12.13
CA SER A 96 4.31 4.62 -13.43
C SER A 96 3.07 5.08 -14.19
N LEU A 97 3.01 6.36 -14.56
CA LEU A 97 1.88 6.86 -15.33
C LEU A 97 1.65 6.04 -16.60
N ASP A 98 2.68 5.87 -17.41
CA ASP A 98 2.57 5.09 -18.65
C ASP A 98 1.95 3.73 -18.35
N LEU A 99 2.49 3.08 -17.33
CA LEU A 99 2.15 1.71 -16.98
C LEU A 99 0.71 1.62 -16.43
N LYS A 100 0.31 2.58 -15.60
CA LYS A 100 -1.07 2.60 -15.13
C LYS A 100 -2.00 3.09 -16.24
N ARG A 101 -1.48 3.97 -17.10
CA ARG A 101 -2.24 4.46 -18.25
C ARG A 101 -2.73 3.31 -19.12
N ASP A 102 -1.81 2.45 -19.53
CA ASP A 102 -2.17 1.38 -20.47
C ASP A 102 -3.01 0.31 -19.79
N ILE A 103 -2.69 0.01 -18.54
CA ILE A 103 -3.55 -0.89 -17.74
C ILE A 103 -4.99 -0.39 -17.71
N TYR A 104 -5.22 0.85 -17.30
CA TYR A 104 -6.59 1.33 -17.19
C TYR A 104 -7.32 1.45 -18.50
N THR A 105 -6.61 1.74 -19.58
CA THR A 105 -7.30 1.83 -20.87
C THR A 105 -7.81 0.47 -21.30
N LYS A 106 -6.98 -0.55 -21.11
CA LYS A 106 -7.35 -1.91 -21.41
C LYS A 106 -8.43 -2.38 -20.45
N LEU A 107 -8.17 -2.16 -19.16
CA LEU A 107 -9.04 -2.64 -18.10
C LEU A 107 -10.45 -2.09 -18.33
N GLY A 108 -10.54 -0.80 -18.66
CA GLY A 108 -11.83 -0.21 -18.91
C GLY A 108 -12.59 -0.91 -20.02
N GLU A 109 -11.84 -1.44 -20.98
CA GLU A 109 -12.43 -2.16 -22.13
C GLU A 109 -12.78 -3.59 -21.75
N LEU A 110 -11.87 -4.25 -21.05
CA LEU A 110 -11.98 -5.67 -20.76
C LEU A 110 -12.94 -6.01 -19.63
N ALA A 111 -13.15 -5.10 -18.69
CA ALA A 111 -13.94 -5.44 -17.53
C ALA A 111 -15.43 -5.23 -17.76
N PRO A 112 -16.27 -6.13 -17.21
CA PRO A 112 -17.70 -5.94 -17.38
C PRO A 112 -18.13 -4.59 -16.76
N ALA A 113 -19.25 -4.04 -17.23
CA ALA A 113 -19.66 -2.70 -16.82
C ALA A 113 -19.79 -2.56 -15.31
N LYS A 114 -20.03 -3.68 -14.62
CA LYS A 114 -20.29 -3.65 -13.18
C LYS A 114 -19.04 -3.35 -12.35
N THR A 115 -17.87 -3.57 -12.95
CA THR A 115 -16.60 -3.58 -12.21
C THR A 115 -16.18 -2.23 -11.61
N ILE A 116 -15.94 -2.24 -10.31
CA ILE A 116 -15.35 -1.10 -9.62
C ILE A 116 -13.85 -1.16 -9.74
N PHE A 117 -13.22 -0.03 -10.06
CA PHE A 117 -11.76 0.04 -10.13
C PHE A 117 -11.22 0.79 -8.93
N ALA A 118 -10.26 0.20 -8.23
CA ALA A 118 -9.61 0.92 -7.14
C ALA A 118 -8.09 0.89 -7.31
N THR A 119 -7.46 2.07 -7.23
CA THR A 119 -6.01 2.18 -7.30
C THR A 119 -5.40 2.20 -5.89
N ASN A 120 -4.26 1.55 -5.70
CA ASN A 120 -3.56 1.57 -4.41
C ASN A 120 -2.44 2.60 -4.44
N SER A 121 -2.43 3.45 -5.48
CA SER A 121 -1.28 4.31 -5.80
C SER A 121 -0.89 5.24 -4.65
N SER A 122 0.40 5.28 -4.32
CA SER A 122 0.93 6.22 -3.33
C SER A 122 1.55 7.47 -3.96
N THR A 123 1.64 7.53 -5.28
CA THR A 123 2.28 8.67 -5.93
C THR A 123 1.38 9.37 -6.93
N LEU A 124 0.31 8.70 -7.34
CA LEU A 124 -0.61 9.25 -8.34
C LEU A 124 -2.01 9.42 -7.79
N LEU A 125 -2.61 10.56 -8.12
CA LEU A 125 -3.98 10.86 -7.70
C LEU A 125 -5.00 10.19 -8.62
N PRO A 126 -6.15 9.79 -8.06
CA PRO A 126 -7.17 9.18 -8.90
C PRO A 126 -7.60 10.11 -10.04
N SER A 127 -7.42 11.41 -9.82
CA SER A 127 -7.64 12.39 -10.88
C SER A 127 -6.61 12.29 -11.99
N ASP A 128 -5.39 11.90 -11.64
CA ASP A 128 -4.34 11.70 -12.65
C ASP A 128 -4.69 10.55 -13.59
N LEU A 129 -5.57 9.66 -13.14
CA LEU A 129 -5.77 8.39 -13.82
C LEU A 129 -7.21 8.18 -14.29
N VAL A 130 -8.15 8.96 -13.78
CA VAL A 130 -9.58 8.69 -14.00
C VAL A 130 -9.96 8.64 -15.48
N GLY A 131 -9.36 9.53 -16.28
CA GLY A 131 -9.70 9.63 -17.68
C GLY A 131 -9.51 8.34 -18.47
N TYR A 132 -8.55 7.52 -18.07
CA TYR A 132 -8.23 6.29 -18.78
C TYR A 132 -9.24 5.20 -18.47
N THR A 133 -9.87 5.26 -17.29
CA THR A 133 -10.73 4.17 -16.88
C THR A 133 -11.92 4.03 -17.81
N GLY A 134 -12.52 5.15 -18.19
CA GLY A 134 -13.74 5.11 -18.97
C GLY A 134 -14.95 4.89 -18.09
N ARG A 135 -14.72 4.84 -16.79
CA ARG A 135 -15.79 4.73 -15.82
C ARG A 135 -15.49 5.53 -14.55
N GLY A 136 -15.48 6.85 -14.69
CA GLY A 136 -15.19 7.71 -13.56
C GLY A 136 -16.10 7.54 -12.35
N ASP A 137 -17.33 7.11 -12.58
CA ASP A 137 -18.27 6.93 -11.47
C ASP A 137 -17.92 5.68 -10.66
N LYS A 138 -17.02 4.85 -11.20
CA LYS A 138 -16.67 3.59 -10.57
C LYS A 138 -15.19 3.48 -10.28
N PHE A 139 -14.49 4.61 -10.23
CA PHE A 139 -13.05 4.63 -9.99
C PHE A 139 -12.75 5.42 -8.72
N LEU A 140 -11.91 4.86 -7.87
CA LEU A 140 -11.45 5.58 -6.69
C LEU A 140 -10.13 5.01 -6.21
N ALA A 141 -9.62 5.54 -5.12
CA ALA A 141 -8.41 4.99 -4.53
C ALA A 141 -8.78 4.20 -3.29
N LEU A 142 -8.15 3.05 -3.13
CA LEU A 142 -8.21 2.25 -1.92
C LEU A 142 -6.76 1.95 -1.55
N HIS A 143 -6.28 2.65 -0.52
CA HIS A 143 -4.86 2.71 -0.22
C HIS A 143 -4.58 1.99 1.08
N PHE A 144 -3.73 0.99 0.97
CA PHE A 144 -3.30 0.14 2.08
C PHE A 144 -1.92 0.54 2.60
N ALA A 145 -1.54 -0.02 3.74
CA ALA A 145 -0.23 0.25 4.33
C ALA A 145 0.54 -1.06 4.41
N ASN A 146 1.86 -1.00 4.24
CA ASN A 146 2.66 -2.24 4.26
C ASN A 146 2.38 -3.02 5.56
N HIS A 147 2.27 -4.35 5.45
CA HIS A 147 1.84 -5.21 6.55
C HIS A 147 0.37 -5.00 6.89
N VAL A 148 -0.48 -5.23 5.90
CA VAL A 148 -1.91 -4.91 5.98
C VAL A 148 -2.62 -5.68 7.08
N TRP A 149 -2.09 -6.85 7.46
CA TRP A 149 -2.76 -7.66 8.48
C TRP A 149 -2.66 -6.96 9.84
N VAL A 150 -1.63 -6.14 10.03
CA VAL A 150 -1.40 -5.45 11.30
C VAL A 150 -1.65 -3.93 11.20
N ASN A 151 -1.08 -3.29 10.19
CA ASN A 151 -1.37 -1.88 9.93
C ASN A 151 -2.56 -1.86 9.00
N ASN A 152 -3.74 -2.06 9.57
CA ASN A 152 -4.93 -2.38 8.79
C ASN A 152 -5.82 -1.20 8.46
N THR A 153 -5.25 -0.06 8.11
CA THR A 153 -6.06 1.02 7.56
C THR A 153 -6.23 0.87 6.06
N ALA A 154 -7.39 1.28 5.57
CA ALA A 154 -7.66 1.36 4.14
C ALA A 154 -8.21 2.75 3.88
N GLU A 155 -7.38 3.60 3.31
CA GLU A 155 -7.77 4.96 2.99
C GLU A 155 -8.52 5.02 1.69
N VAL A 156 -9.77 5.44 1.78
CA VAL A 156 -10.69 5.48 0.64
C VAL A 156 -10.79 6.90 0.13
N MET A 157 -10.51 7.10 -1.15
CA MET A 157 -10.45 8.43 -1.69
C MET A 157 -10.85 8.44 -3.16
N GLY A 158 -11.98 9.05 -3.47
CA GLY A 158 -12.42 9.12 -4.86
C GLY A 158 -12.19 10.47 -5.51
N THR A 159 -12.75 10.66 -6.70
CA THR A 159 -12.72 11.95 -7.35
C THR A 159 -14.11 12.56 -7.25
N THR A 160 -14.26 13.76 -7.79
CA THR A 160 -15.57 14.41 -7.86
C THR A 160 -16.54 13.57 -8.70
N LYS A 161 -15.98 12.71 -9.57
CA LYS A 161 -16.79 11.89 -10.48
C LYS A 161 -17.25 10.59 -9.81
N THR A 162 -16.63 10.21 -8.70
CA THR A 162 -16.94 8.93 -8.06
C THR A 162 -18.38 8.84 -7.57
N ASP A 163 -19.04 7.73 -7.89
CA ASP A 163 -20.40 7.48 -7.43
C ASP A 163 -20.38 7.18 -5.93
N PRO A 164 -21.11 7.98 -5.13
CA PRO A 164 -21.18 7.79 -3.68
C PRO A 164 -21.54 6.38 -3.29
N GLU A 165 -22.41 5.74 -4.06
CA GLU A 165 -22.83 4.37 -3.79
C GLU A 165 -21.66 3.39 -3.95
N VAL A 166 -20.84 3.65 -4.96
CA VAL A 166 -19.63 2.89 -5.21
C VAL A 166 -18.67 3.10 -4.05
N TYR A 167 -18.47 4.37 -3.68
CA TYR A 167 -17.63 4.71 -2.55
C TYR A 167 -18.05 3.93 -1.31
N GLN A 168 -19.34 3.93 -0.98
CA GLN A 168 -19.80 3.21 0.19
C GLN A 168 -19.60 1.70 0.06
N GLN A 169 -19.75 1.15 -1.15
CA GLN A 169 -19.52 -0.27 -1.34
C GLN A 169 -18.06 -0.61 -1.07
N VAL A 170 -17.14 0.24 -1.53
CA VAL A 170 -15.72 0.02 -1.25
C VAL A 170 -15.45 0.14 0.26
N VAL A 171 -16.09 1.12 0.91
CA VAL A 171 -15.96 1.23 2.36
C VAL A 171 -16.42 -0.06 3.03
N GLU A 172 -17.53 -0.61 2.58
CA GLU A 172 -18.02 -1.84 3.19
C GLU A 172 -17.12 -3.02 2.85
N PHE A 173 -16.58 -3.02 1.63
CA PHE A 173 -15.61 -4.03 1.27
C PHE A 173 -14.39 -3.93 2.19
N ALA A 174 -13.90 -2.71 2.39
CA ALA A 174 -12.74 -2.53 3.27
C ALA A 174 -12.96 -3.20 4.64
N SER A 175 -14.11 -2.92 5.24
CA SER A 175 -14.43 -3.47 6.56
C SER A 175 -14.53 -5.01 6.53
N ALA A 176 -15.16 -5.53 5.47
CA ALA A 176 -15.36 -6.97 5.25
C ALA A 176 -14.04 -7.71 5.13
N ILE A 177 -12.99 -7.03 4.67
CA ILE A 177 -11.68 -7.68 4.64
C ILE A 177 -10.87 -7.31 5.86
N GLY A 178 -11.52 -6.80 6.88
CA GLY A 178 -10.83 -6.60 8.14
C GLY A 178 -10.01 -5.32 8.25
N MET A 179 -10.28 -4.34 7.41
CA MET A 179 -9.52 -3.09 7.48
C MET A 179 -10.34 -2.06 8.24
N VAL A 180 -9.69 -1.03 8.75
CA VAL A 180 -10.39 0.12 9.29
C VAL A 180 -10.47 1.13 8.16
N PRO A 181 -11.68 1.39 7.64
CA PRO A 181 -11.81 2.35 6.55
C PRO A 181 -11.54 3.76 7.03
N ILE A 182 -10.64 4.44 6.34
CA ILE A 182 -10.33 5.81 6.65
C ILE A 182 -10.96 6.58 5.52
N GLU A 183 -12.05 7.29 5.81
CA GLU A 183 -12.85 7.90 4.74
C GLU A 183 -12.45 9.33 4.44
N LEU A 184 -11.82 9.55 3.27
CA LEU A 184 -11.53 10.89 2.83
C LEU A 184 -12.67 11.42 1.98
N LYS A 185 -12.90 12.73 2.07
CA LYS A 185 -14.07 13.37 1.47
C LYS A 185 -13.71 14.09 0.17
N LYS A 186 -12.42 14.36 -0.01
CA LYS A 186 -11.91 15.01 -1.20
C LYS A 186 -10.52 14.46 -1.46
N GLU A 187 -10.03 14.59 -2.69
CA GLU A 187 -8.65 14.18 -2.95
C GLU A 187 -7.64 14.96 -2.15
N LYS A 188 -6.57 14.27 -1.81
CA LYS A 188 -5.45 14.84 -1.11
C LYS A 188 -4.24 13.95 -1.38
N ALA A 189 -3.19 14.53 -1.95
CA ALA A 189 -1.98 13.77 -2.16
C ALA A 189 -1.44 13.33 -0.81
N GLY A 190 -1.03 12.07 -0.73
CA GLY A 190 -0.60 11.50 0.52
C GLY A 190 -1.73 11.09 1.43
N TYR A 191 -2.97 11.16 0.94
CA TYR A 191 -4.12 10.76 1.74
C TYR A 191 -4.06 11.44 3.11
N VAL A 192 -4.38 10.69 4.16
CA VAL A 192 -4.31 11.19 5.53
C VAL A 192 -2.99 10.84 6.24
N LEU A 193 -2.66 9.56 6.32
CA LEU A 193 -1.50 9.17 7.12
C LEU A 193 -0.18 9.83 6.69
N ASN A 194 0.15 9.72 5.41
CA ASN A 194 1.37 10.31 4.90
C ASN A 194 1.33 11.82 5.04
N SER A 195 0.15 12.41 4.93
CA SER A 195 0.02 13.84 5.09
C SER A 195 0.37 14.26 6.49
N LEU A 196 0.13 13.40 7.47
CA LEU A 196 0.44 13.73 8.85
C LEU A 196 1.87 13.36 9.19
N LEU A 197 2.31 12.19 8.72
CA LEU A 197 3.60 11.68 9.10
C LEU A 197 4.78 12.41 8.44
N VAL A 198 4.68 12.73 7.16
CA VAL A 198 5.82 13.38 6.51
C VAL A 198 6.22 14.68 7.19
N PRO A 199 5.26 15.53 7.58
CA PRO A 199 5.68 16.77 8.24
C PRO A 199 6.43 16.56 9.56
N LEU A 200 6.04 15.55 10.32
CA LEU A 200 6.75 15.19 11.54
C LEU A 200 8.19 14.73 11.24
N LEU A 201 8.33 13.84 10.27
CA LEU A 201 9.64 13.30 9.92
C LEU A 201 10.54 14.37 9.28
N ASP A 202 9.97 15.24 8.45
CA ASP A 202 10.72 16.38 7.89
C ASP A 202 11.22 17.30 9.00
N ALA A 203 10.39 17.52 10.01
CA ALA A 203 10.80 18.37 11.13
C ALA A 203 11.95 17.74 11.92
N ALA A 204 11.87 16.45 12.19
CA ALA A 204 12.95 15.78 12.93
C ALA A 204 14.26 15.82 12.12
N ALA A 205 14.14 15.56 10.83
CA ALA A 205 15.32 15.50 9.98
C ALA A 205 16.04 16.85 9.93
N GLU A 206 15.26 17.94 9.84
CA GLU A 206 15.82 19.29 9.89
C GLU A 206 16.59 19.53 11.19
N LEU A 207 16.00 19.16 12.32
CA LEU A 207 16.70 19.29 13.60
C LEU A 207 18.00 18.50 13.58
N LEU A 208 18.00 17.31 12.97
CA LEU A 208 19.22 16.52 12.95
C LEU A 208 20.23 17.17 12.02
N VAL A 209 19.80 17.43 10.80
CA VAL A 209 20.67 17.95 9.76
C VAL A 209 21.24 19.33 10.08
N ASP A 210 20.50 20.13 10.84
CA ASP A 210 21.01 21.46 11.18
C ASP A 210 21.81 21.45 12.47
N GLY A 211 22.06 20.26 13.00
CA GLY A 211 22.88 20.14 14.19
C GLY A 211 22.24 20.61 15.49
N ILE A 212 20.92 20.60 15.57
CA ILE A 212 20.24 21.09 16.78
C ILE A 212 20.31 20.05 17.89
N ALA A 213 20.06 18.78 17.56
CA ALA A 213 19.98 17.71 18.56
C ALA A 213 20.31 16.38 17.92
N ASP A 214 20.70 15.39 18.72
CA ASP A 214 21.01 14.07 18.14
C ASP A 214 19.71 13.27 18.02
N PRO A 215 19.72 12.14 17.28
CA PRO A 215 18.48 11.35 17.13
C PRO A 215 17.83 10.87 18.41
N GLU A 216 18.66 10.40 19.34
CA GLU A 216 18.16 9.92 20.62
C GLU A 216 17.43 11.03 21.35
N THR A 217 17.97 12.24 21.31
CA THR A 217 17.35 13.35 22.00
C THR A 217 16.02 13.74 21.36
N ILE A 218 16.00 13.74 20.04
CA ILE A 218 14.79 14.12 19.31
C ILE A 218 13.70 13.08 19.59
N ASP A 219 14.07 11.80 19.53
CA ASP A 219 13.10 10.74 19.80
C ASP A 219 12.55 10.76 21.22
N LYS A 220 13.42 10.90 22.24
CA LYS A 220 12.91 10.89 23.60
C LYS A 220 11.99 12.10 23.85
N THR A 221 12.31 13.23 23.22
CA THR A 221 11.44 14.38 23.32
C THR A 221 10.04 14.05 22.81
N TRP A 222 9.95 13.40 21.66
CA TRP A 222 8.65 13.05 21.10
C TRP A 222 7.90 12.05 21.96
N ARG A 223 8.61 11.04 22.45
CA ARG A 223 7.97 10.01 23.25
C ARG A 223 7.44 10.57 24.55
N ILE A 224 8.25 11.39 25.22
CA ILE A 224 7.86 12.00 26.48
C ILE A 224 6.81 13.08 26.29
N GLY A 225 6.98 13.88 25.25
CA GLY A 225 6.10 15.02 25.04
C GLY A 225 4.73 14.68 24.52
N THR A 226 4.59 13.55 23.82
CA THR A 226 3.28 13.21 23.25
C THR A 226 2.82 11.83 23.72
N GLY A 227 3.67 11.10 24.42
CA GLY A 227 3.32 9.76 24.80
C GLY A 227 3.44 8.73 23.70
N ALA A 228 3.83 9.16 22.50
CA ALA A 228 3.99 8.23 21.38
C ALA A 228 5.02 7.16 21.78
N PRO A 229 4.83 5.91 21.32
CA PRO A 229 5.76 4.84 21.69
C PRO A 229 7.12 4.85 20.96
N LYS A 230 7.19 5.50 19.80
CA LYS A 230 8.42 5.58 19.03
C LYS A 230 8.59 7.00 18.50
N GLY A 231 9.81 7.50 18.52
CA GLY A 231 10.07 8.82 17.96
C GLY A 231 10.38 8.78 16.47
N PRO A 232 10.49 9.96 15.82
CA PRO A 232 10.78 10.03 14.39
C PRO A 232 11.87 9.12 13.86
N PHE A 233 12.97 8.97 14.59
CA PHE A 233 14.08 8.21 14.02
C PHE A 233 13.86 6.72 14.14
N GLU A 234 13.18 6.32 15.21
CA GLU A 234 12.75 4.93 15.32
C GLU A 234 11.81 4.63 14.17
N ILE A 235 10.93 5.58 13.87
CA ILE A 235 10.01 5.47 12.73
C ILE A 235 10.77 5.42 11.41
N PHE A 236 11.78 6.28 11.20
CA PHE A 236 12.63 6.17 9.99
C PHE A 236 13.22 4.78 9.78
N ASP A 237 13.70 4.17 10.86
CA ASP A 237 14.22 2.80 10.76
C ASP A 237 13.16 1.81 10.27
N ILE A 238 11.93 1.98 10.72
CA ILE A 238 10.83 1.12 10.32
C ILE A 238 10.45 1.32 8.87
N VAL A 239 10.33 2.58 8.46
CA VAL A 239 10.08 2.94 7.06
C VAL A 239 11.14 2.28 6.18
N GLY A 240 12.39 2.36 6.63
CA GLY A 240 13.49 1.92 5.80
C GLY A 240 14.23 3.14 5.33
N LEU A 241 15.54 3.15 5.51
CA LEU A 241 16.28 4.35 5.19
C LEU A 241 16.52 4.49 3.69
N THR A 242 16.56 3.37 2.98
CA THR A 242 16.68 3.48 1.52
C THR A 242 15.42 4.18 1.01
N THR A 243 14.27 3.80 1.57
CA THR A 243 13.01 4.43 1.21
C THR A 243 12.98 5.91 1.61
N ALA A 244 13.45 6.21 2.82
CA ALA A 244 13.45 7.60 3.27
C ALA A 244 14.40 8.43 2.42
N TYR A 245 15.51 7.84 2.00
CA TYR A 245 16.46 8.52 1.12
C TYR A 245 15.83 8.85 -0.24
N ASN A 246 15.19 7.86 -0.87
CA ASN A 246 14.53 8.06 -2.15
C ASN A 246 13.51 9.20 -2.08
N ILE A 247 12.61 9.13 -1.09
CA ILE A 247 11.60 10.17 -0.89
C ILE A 247 12.21 11.55 -0.66
N SER A 248 13.18 11.64 0.24
CA SER A 248 13.81 12.91 0.58
C SER A 248 14.51 13.53 -0.61
N SER A 249 15.18 12.71 -1.41
CA SER A 249 16.04 13.28 -2.45
C SER A 249 15.28 13.89 -3.63
N VAL A 250 13.97 13.66 -3.72
CA VAL A 250 13.16 14.34 -4.72
C VAL A 250 12.25 15.36 -4.06
N SER A 251 12.64 15.80 -2.86
CA SER A 251 11.83 16.75 -2.10
C SER A 251 12.51 18.11 -2.03
N GLY A 252 12.16 18.88 -1.01
CA GLY A 252 12.69 20.23 -0.89
C GLY A 252 14.16 20.31 -0.51
N PRO A 253 14.74 21.52 -0.48
CA PRO A 253 16.15 21.68 -0.12
C PRO A 253 16.61 21.16 1.24
N LYS A 254 15.81 21.37 2.28
CA LYS A 254 16.19 20.84 3.59
C LYS A 254 16.11 19.31 3.53
N GLN A 255 15.08 18.82 2.86
CA GLN A 255 14.87 17.38 2.72
C GLN A 255 16.01 16.71 1.93
N ARG A 256 16.50 17.39 0.90
CA ARG A 256 17.57 16.84 0.05
C ARG A 256 18.87 16.85 0.80
N GLU A 257 18.97 17.78 1.75
CA GLU A 257 20.13 17.82 2.62
C GLU A 257 20.13 16.60 3.55
N PHE A 258 18.95 16.24 4.05
CA PHE A 258 18.78 15.03 4.85
C PHE A 258 19.09 13.79 3.99
N ALA A 259 18.60 13.75 2.76
CA ALA A 259 18.92 12.65 1.87
C ALA A 259 20.43 12.43 1.79
N ALA A 260 21.18 13.51 1.55
CA ALA A 260 22.65 13.43 1.49
C ALA A 260 23.23 12.93 2.81
N TYR A 261 22.60 13.29 3.93
CA TYR A 261 23.06 12.92 5.27
C TYR A 261 22.88 11.42 5.49
N LEU A 262 21.72 10.93 5.06
CA LEU A 262 21.42 9.51 5.13
C LEU A 262 22.37 8.74 4.24
N LYS A 263 22.58 9.27 3.04
CA LYS A 263 23.38 8.58 2.04
C LYS A 263 24.79 8.38 2.58
N GLU A 264 25.41 9.45 3.05
CA GLU A 264 26.77 9.43 3.57
C GLU A 264 26.88 8.62 4.85
N ASN A 265 25.96 8.86 5.79
CA ASN A 265 26.08 8.29 7.12
C ASN A 265 25.42 6.94 7.32
N TYR A 266 24.49 6.56 6.46
CA TYR A 266 23.78 5.30 6.69
C TYR A 266 23.76 4.41 5.48
N ILE A 267 23.14 4.87 4.40
CA ILE A 267 23.04 4.07 3.18
C ILE A 267 24.43 3.57 2.75
N ASP A 268 25.44 4.43 2.80
CA ASP A 268 26.78 4.04 2.33
C ASP A 268 27.46 3.07 3.26
N LYS A 269 26.91 2.91 4.47
CA LYS A 269 27.47 1.98 5.43
C LYS A 269 26.64 0.71 5.58
N GLY A 270 25.67 0.51 4.69
CA GLY A 270 24.76 -0.61 4.83
C GLY A 270 23.92 -0.58 6.10
N LYS A 271 23.70 0.62 6.66
CA LYS A 271 22.80 0.77 7.81
C LYS A 271 21.45 1.28 7.32
N LEU A 272 20.55 0.36 6.98
CA LEU A 272 19.32 0.74 6.29
C LEU A 272 18.10 0.74 7.20
N GLY A 273 18.32 0.42 8.47
CA GLY A 273 17.22 0.42 9.41
C GLY A 273 16.86 -0.97 9.89
N LEU A 274 15.56 -1.17 10.09
CA LEU A 274 15.02 -2.39 10.67
C LEU A 274 15.43 -3.61 9.83
N ALA A 275 15.36 -3.47 8.51
CA ALA A 275 15.69 -4.55 7.58
C ALA A 275 17.08 -5.12 7.78
N THR A 276 18.09 -4.27 7.93
CA THR A 276 19.45 -4.80 8.04
C THR A 276 19.82 -5.03 9.49
N GLY A 277 18.93 -4.62 10.39
CA GLY A 277 19.23 -4.79 11.81
C GLY A 277 19.92 -3.60 12.45
N GLU A 278 20.16 -2.54 11.67
CA GLU A 278 20.72 -1.31 12.19
C GLU A 278 20.39 -0.15 11.27
N GLY A 279 19.91 0.94 11.85
CA GLY A 279 19.77 2.19 11.14
C GLY A 279 20.23 3.33 12.02
N PHE A 280 19.35 4.28 12.32
CA PHE A 280 19.65 5.23 13.38
C PHE A 280 19.92 4.49 14.71
N TYR A 281 19.25 3.37 14.91
CA TYR A 281 19.50 2.53 16.10
C TYR A 281 20.03 1.17 15.69
N ARG A 282 20.65 0.48 16.64
CA ARG A 282 21.15 -0.87 16.43
C ARG A 282 20.13 -1.84 17.02
N TYR A 283 19.76 -2.85 16.24
CA TYR A 283 18.71 -3.79 16.66
C TYR A 283 19.30 -5.18 16.92
#